data_2HOE
#
_entry.id   2HOE
#
_cell.length_a   62.599
_cell.length_b   62.599
_cell.length_c   173.950
_cell.angle_alpha   90.000
_cell.angle_beta   90.000
_cell.angle_gamma   120.000
#
_symmetry.space_group_name_H-M   'P 31 1 2'
#
loop_
_entity.id
_entity.type
_entity.pdbx_description
1 polymer 'N-acetylglucosamine kinase'
2 non-polymer 'POTASSIUM ION'
3 non-polymer GLYCEROL
4 water water
#
_entity_poly.entity_id   1
_entity_poly.type   'polypeptide(L)'
_entity_poly.pdbx_seq_one_letter_code
;(MSE)GSDKIHHHHHH(MSE)PKSVRAENISRILKRI(MSE)KSPVSRVELAEELGLTKTTVGEIAKIFLEKGIVVEEKD
SPKGVGRPTKSLKISPNCAYVLGIEVTRDEIAACLIDAS(MSE)NILAHEAHPLPSQSDREETLNV(MSE)YRIIDRAKD
(MSE)(MSE)EKLGSKLSALTVAAPGPIDTERGIIIDPRNFPLSQIPLANLLKEKYGIEVWVENDAD(MSE)GAVGEKWY
TKRDDSFAWILTGKGIGAGIIIDGELYRGENGYAGEIGYTRVFNGNEYVFLEDVCNENVVLKHVLS(MSE)GFSSLAEAR
DSGDVRVKEYFDDIARYFSIGLLNLIHLFGISKIVIGGFFKELGENFLKKIKIEVETHLLYKHSVD(MSE)SFSKVQEPV
IAFGAAVHALENYLERVTTS
;
_entity_poly.pdbx_strand_id   A
#
loop_
_chem_comp.id
_chem_comp.type
_chem_comp.name
_chem_comp.formula
GOL non-polymer GLYCEROL 'C3 H8 O3'
K non-polymer 'POTASSIUM ION' 'K 1'
#
# COMPACT_ATOMS: atom_id res chain seq x y z
N ILE A 22 -3.09 23.64 -12.07
CA ILE A 22 -3.21 22.81 -10.82
C ILE A 22 -2.49 23.45 -9.62
N SER A 23 -2.36 22.68 -8.54
CA SER A 23 -1.70 23.13 -7.32
C SER A 23 -0.67 22.10 -6.93
N ARG A 24 -1.02 21.28 -5.95
CA ARG A 24 -0.15 20.26 -5.43
C ARG A 24 1.24 20.80 -4.97
N ILE A 25 1.24 22.05 -4.52
CA ILE A 25 2.23 22.48 -3.57
C ILE A 25 1.76 21.75 -2.32
N LEU A 26 0.44 21.53 -2.24
CA LEU A 26 -0.18 20.68 -1.23
C LEU A 26 0.57 19.36 -1.14
N LYS A 27 0.91 18.79 -2.28
CA LYS A 27 1.66 17.54 -2.33
C LYS A 27 3.00 17.70 -1.61
N ARG A 28 3.62 18.87 -1.78
CA ARG A 28 4.93 19.15 -1.19
C ARG A 28 4.84 19.54 0.29
N ILE A 29 3.76 20.23 0.68
CA ILE A 29 3.61 20.61 2.08
C ILE A 29 3.40 19.34 2.89
N MSE A 30 2.72 18.36 2.29
CA MSE A 30 2.56 17.04 2.91
C MSE A 30 3.92 16.35 3.05
O MSE A 30 4.24 15.78 4.09
CB MSE A 30 1.61 16.18 2.10
CG MSE A 30 0.19 16.65 2.16
SE MSE A 30 -1.06 15.52 1.16
CE MSE A 30 -0.82 13.91 2.07
N LYS A 31 4.72 16.42 1.98
CA LYS A 31 6.06 15.82 1.97
C LYS A 31 6.83 16.24 3.21
N SER A 32 6.88 17.53 3.49
CA SER A 32 7.54 18.05 4.70
C SER A 32 7.29 19.54 4.82
N PRO A 33 7.47 20.09 6.04
CA PRO A 33 7.38 21.53 6.25
C PRO A 33 8.22 22.28 5.25
N VAL A 34 7.68 23.34 4.68
CA VAL A 34 8.36 24.06 3.62
C VAL A 34 7.88 25.53 3.53
N SER A 35 8.82 26.45 3.32
CA SER A 35 8.51 27.88 3.25
C SER A 35 8.05 28.31 1.86
N ARG A 36 7.49 29.52 1.80
CA ARG A 36 6.99 30.08 0.53
C ARG A 36 8.10 30.27 -0.49
N VAL A 37 9.27 30.68 -0.01
CA VAL A 37 10.44 30.85 -0.88
C VAL A 37 10.88 29.52 -1.44
N GLU A 38 10.89 28.49 -0.60
CA GLU A 38 11.28 27.14 -1.01
C GLU A 38 10.33 26.57 -2.05
N LEU A 39 9.03 26.80 -1.86
CA LEU A 39 8.02 26.34 -2.81
C LEU A 39 8.24 27.03 -4.15
N ALA A 40 8.17 28.35 -4.13
CA ALA A 40 8.33 29.16 -5.34
C ALA A 40 9.57 28.72 -6.14
N GLU A 41 10.69 28.52 -5.45
CA GLU A 41 11.94 28.12 -6.09
C GLU A 41 11.93 26.63 -6.50
N GLU A 42 11.78 25.74 -5.53
CA GLU A 42 11.82 24.29 -5.79
C GLU A 42 10.75 23.80 -6.80
N LEU A 43 9.54 24.38 -6.74
CA LEU A 43 8.46 24.03 -7.69
C LEU A 43 8.50 24.92 -8.95
N GLY A 44 8.64 26.23 -8.75
CA GLY A 44 8.63 27.20 -9.87
C GLY A 44 7.27 27.88 -9.92
N LEU A 45 7.23 29.17 -9.58
CA LEU A 45 5.98 29.95 -9.54
C LEU A 45 6.28 31.35 -9.01
N THR A 46 5.27 32.21 -8.94
CA THR A 46 5.50 33.56 -8.42
C THR A 46 5.35 33.60 -6.91
N LYS A 47 6.08 34.54 -6.29
CA LYS A 47 5.97 34.85 -4.86
C LYS A 47 4.51 35.22 -4.51
N THR A 48 3.86 35.97 -5.43
CA THR A 48 2.47 36.41 -5.26
C THR A 48 1.45 35.29 -5.56
N THR A 49 1.84 34.29 -6.35
CA THR A 49 0.93 33.17 -6.66
C THR A 49 0.83 32.25 -5.44
N VAL A 50 2.00 31.91 -4.89
CA VAL A 50 2.08 31.06 -3.73
C VAL A 50 1.53 31.80 -2.53
N GLY A 51 1.94 33.06 -2.38
CA GLY A 51 1.44 33.91 -1.29
C GLY A 51 -0.08 33.93 -1.19
N GLU A 52 -0.76 33.88 -2.35
CA GLU A 52 -2.23 33.87 -2.40
C GLU A 52 -2.82 32.50 -2.04
N ILE A 53 -2.20 31.44 -2.57
CA ILE A 53 -2.65 30.06 -2.31
C ILE A 53 -2.43 29.71 -0.85
N ALA A 54 -1.30 30.17 -0.31
CA ALA A 54 -1.01 30.02 1.10
C ALA A 54 -2.11 30.69 1.92
N LYS A 55 -2.61 31.82 1.42
CA LYS A 55 -3.71 32.55 2.05
C LYS A 55 -4.96 31.68 2.13
N ILE A 56 -5.27 30.95 1.05
CA ILE A 56 -6.43 30.05 1.01
C ILE A 56 -6.25 28.89 2.00
N PHE A 57 -5.17 28.14 1.80
CA PHE A 57 -4.83 26.98 2.66
C PHE A 57 -4.81 27.37 4.11
N LEU A 58 -4.09 28.45 4.40
CA LEU A 58 -3.89 28.92 5.77
C LEU A 58 -5.22 29.37 6.40
N GLU A 59 -6.14 29.85 5.56
CA GLU A 59 -7.47 30.27 6.00
C GLU A 59 -8.38 29.07 6.25
N LYS A 60 -8.31 28.07 5.35
CA LYS A 60 -9.15 26.85 5.44
C LYS A 60 -8.82 25.96 6.62
N GLY A 61 -7.75 26.27 7.35
CA GLY A 61 -7.34 25.46 8.51
C GLY A 61 -6.63 24.20 8.08
N ILE A 62 -6.13 24.20 6.85
CA ILE A 62 -5.40 23.07 6.29
C ILE A 62 -3.91 23.17 6.63
N VAL A 63 -3.41 24.39 6.66
CA VAL A 63 -2.00 24.63 6.86
C VAL A 63 -1.78 25.65 7.97
N VAL A 64 -0.58 25.61 8.57
CA VAL A 64 -0.19 26.56 9.61
C VAL A 64 1.20 27.11 9.30
N GLU A 65 1.50 28.33 9.75
CA GLU A 65 2.84 28.90 9.61
C GLU A 65 3.52 29.05 10.96
N GLU A 66 4.78 28.59 11.03
CA GLU A 66 5.53 28.56 12.29
C GLU A 66 7.00 28.89 12.07
N LYS A 67 7.60 29.59 13.04
CA LYS A 67 9.05 29.89 13.03
C LYS A 67 9.82 28.58 13.10
N ASP A 68 10.91 28.50 12.35
CA ASP A 68 11.74 27.29 12.31
C ASP A 68 12.67 27.21 13.54
N SER A 69 12.96 25.98 13.98
CA SER A 69 13.87 25.75 15.13
C SER A 69 15.33 25.88 14.69
N PRO A 70 16.02 26.96 15.12
CA PRO A 70 17.38 27.19 14.64
C PRO A 70 18.41 26.34 15.36
N ARG A 75 17.39 37.20 8.88
CA ARG A 75 17.54 36.34 10.04
C ARG A 75 16.58 35.16 10.02
N PRO A 76 15.43 35.28 10.74
CA PRO A 76 14.41 34.22 10.92
C PRO A 76 13.51 33.96 9.70
N THR A 77 12.84 32.79 9.72
CA THR A 77 11.95 32.37 8.60
C THR A 77 10.76 31.52 9.08
N LYS A 78 9.70 31.45 8.27
CA LYS A 78 8.51 30.67 8.60
C LYS A 78 8.24 29.58 7.56
N SER A 79 7.81 28.40 8.02
CA SER A 79 7.47 27.29 7.12
C SER A 79 5.97 26.99 7.13
N LEU A 80 5.53 26.21 6.14
CA LEU A 80 4.13 25.76 6.06
C LEU A 80 4.06 24.30 6.42
N LYS A 81 3.15 23.95 7.32
CA LYS A 81 2.95 22.57 7.76
C LYS A 81 1.47 22.24 7.63
N ILE A 82 1.17 20.99 7.31
CA ILE A 82 -0.20 20.54 7.30
C ILE A 82 -0.69 20.56 8.74
N SER A 83 -1.90 21.05 8.97
CA SER A 83 -2.47 21.04 10.32
C SER A 83 -3.15 19.72 10.57
N PRO A 84 -2.73 19.00 11.62
CA PRO A 84 -3.28 17.66 11.87
C PRO A 84 -4.80 17.63 12.03
N ASN A 85 -5.35 18.72 12.54
CA ASN A 85 -6.76 18.77 12.87
C ASN A 85 -7.72 18.84 11.66
N CYS A 86 -7.23 19.23 10.50
CA CYS A 86 -8.13 19.52 9.36
C CYS A 86 -8.74 18.29 8.68
N ALA A 87 -8.19 17.11 8.92
CA ALA A 87 -8.73 15.90 8.28
C ALA A 87 -8.36 14.63 9.00
N TYR A 88 -9.37 13.78 9.17
CA TYR A 88 -9.22 12.48 9.75
C TYR A 88 -9.80 11.50 8.75
N VAL A 89 -9.00 10.50 8.36
CA VAL A 89 -9.42 9.58 7.34
C VAL A 89 -9.05 8.14 7.71
N LEU A 90 -9.80 7.21 7.13
CA LEU A 90 -9.63 5.83 7.42
C LEU A 90 -9.16 5.10 6.21
N GLY A 91 -8.26 4.16 6.41
CA GLY A 91 -7.82 3.27 5.36
C GLY A 91 -8.22 1.88 5.73
N ILE A 92 -8.53 1.05 4.74
CA ILE A 92 -8.94 -0.33 4.99
C ILE A 92 -8.32 -1.32 4.01
N GLU A 93 -7.86 -2.45 4.54
CA GLU A 93 -7.43 -3.54 3.66
C GLU A 93 -8.33 -4.74 3.86
N VAL A 94 -8.72 -5.32 2.74
CA VAL A 94 -9.58 -6.46 2.70
C VAL A 94 -8.82 -7.65 2.20
N THR A 95 -8.84 -8.73 2.98
CA THR A 95 -8.25 -9.99 2.58
C THR A 95 -9.34 -11.04 2.73
N ARG A 96 -9.12 -12.22 2.19
CA ARG A 96 -10.10 -13.29 2.30
C ARG A 96 -10.40 -13.66 3.78
N ASP A 97 -9.36 -13.59 4.63
CA ASP A 97 -9.45 -14.04 6.05
C ASP A 97 -9.69 -12.93 7.09
N GLU A 98 -9.53 -11.68 6.70
CA GLU A 98 -9.47 -10.60 7.67
C GLU A 98 -9.71 -9.25 7.03
N ILE A 99 -10.15 -8.29 7.83
CA ILE A 99 -10.23 -6.92 7.41
C ILE A 99 -9.50 -6.07 8.44
N ALA A 100 -8.57 -5.24 7.95
CA ALA A 100 -7.79 -4.35 8.83
C ALA A 100 -8.11 -2.88 8.53
N ALA A 101 -7.98 -2.04 9.54
CA ALA A 101 -8.28 -0.64 9.39
C ALA A 101 -7.21 0.21 10.03
N CYS A 102 -7.01 1.41 9.49
CA CYS A 102 -6.05 2.35 10.01
C CYS A 102 -6.61 3.75 9.95
N LEU A 103 -6.75 4.38 11.12
CA LEU A 103 -7.30 5.75 11.24
C LEU A 103 -6.17 6.76 11.48
N ILE A 104 -6.14 7.81 10.69
CA ILE A 104 -5.08 8.80 10.83
C ILE A 104 -5.62 10.20 10.88
N ASP A 105 -4.74 11.14 11.26
CA ASP A 105 -5.04 12.58 11.19
C ASP A 105 -4.31 13.10 9.97
N ALA A 106 -4.40 14.40 9.70
CA ALA A 106 -3.84 14.97 8.49
C ALA A 106 -2.29 14.98 8.47
N SER A 107 -1.67 14.84 9.64
CA SER A 107 -0.20 14.70 9.75
C SER A 107 0.20 13.23 9.53
N MSE A 108 -0.82 12.41 9.30
CA MSE A 108 -0.71 10.98 9.08
C MSE A 108 -0.15 10.20 10.30
O MSE A 108 0.50 9.15 10.17
CB MSE A 108 -0.04 10.62 7.70
CG MSE A 108 1.28 11.22 7.35
SE MSE A 108 1.65 11.14 5.35
CE MSE A 108 0.63 12.80 4.81
N ASN A 109 -0.43 10.75 11.49
CA ASN A 109 -0.22 10.05 12.75
C ASN A 109 -1.35 9.05 12.89
N ILE A 110 -1.01 7.85 13.33
CA ILE A 110 -1.98 6.80 13.51
C ILE A 110 -2.71 6.99 14.83
N LEU A 111 -4.02 7.24 14.77
CA LEU A 111 -4.83 7.39 16.01
C LEU A 111 -5.21 6.03 16.55
N ALA A 112 -5.53 5.11 15.65
CA ALA A 112 -5.90 3.77 16.04
C ALA A 112 -5.78 2.84 14.84
N HIS A 113 -5.46 1.58 15.11
CA HIS A 113 -5.54 0.56 14.08
C HIS A 113 -6.10 -0.75 14.64
N GLU A 114 -6.73 -1.52 13.79
CA GLU A 114 -7.44 -2.70 14.24
C GLU A 114 -7.59 -3.73 13.17
N ALA A 115 -8.05 -4.90 13.58
CA ALA A 115 -8.22 -5.99 12.64
C ALA A 115 -9.30 -6.89 13.11
N HIS A 116 -10.24 -7.18 12.23
CA HIS A 116 -11.37 -8.09 12.53
C HIS A 116 -11.34 -9.29 11.61
N PRO A 117 -11.07 -10.48 12.15
CA PRO A 117 -11.08 -11.65 11.28
C PRO A 117 -12.46 -11.98 10.75
N LEU A 118 -12.50 -12.60 9.57
CA LEU A 118 -13.75 -13.03 8.94
C LEU A 118 -13.92 -14.53 9.13
N PRO A 119 -15.17 -15.01 9.09
CA PRO A 119 -15.39 -16.45 9.21
C PRO A 119 -15.00 -17.20 7.95
N SER A 120 -14.80 -18.50 8.08
CA SER A 120 -14.48 -19.35 6.92
C SER A 120 -15.50 -19.11 5.83
N GLN A 121 -15.03 -18.72 4.65
CA GLN A 121 -15.89 -18.51 3.50
C GLN A 121 -17.02 -17.54 3.82
N SER A 122 -16.73 -16.24 3.74
CA SER A 122 -17.71 -15.21 4.08
C SER A 122 -18.50 -14.72 2.87
N ASP A 123 -19.79 -14.44 3.12
CA ASP A 123 -20.69 -13.90 2.11
C ASP A 123 -20.37 -12.48 1.78
N ARG A 124 -21.01 -12.00 0.73
CA ARG A 124 -21.04 -10.61 0.41
C ARG A 124 -21.55 -9.89 1.66
N GLU A 125 -22.69 -10.36 2.16
CA GLU A 125 -23.36 -9.77 3.32
C GLU A 125 -22.53 -9.89 4.61
N GLU A 126 -21.86 -11.01 4.80
CA GLU A 126 -21.10 -11.23 6.02
C GLU A 126 -19.86 -10.39 6.05
N THR A 127 -19.19 -10.31 4.91
CA THR A 127 -18.01 -9.50 4.76
C THR A 127 -18.35 -8.02 4.93
N LEU A 128 -19.40 -7.56 4.24
CA LEU A 128 -19.82 -6.15 4.33
C LEU A 128 -20.18 -5.76 5.77
N ASN A 129 -20.81 -6.68 6.51
CA ASN A 129 -21.17 -6.40 7.92
C ASN A 129 -19.96 -6.07 8.76
N VAL A 130 -18.87 -6.82 8.59
CA VAL A 130 -17.65 -6.56 9.34
C VAL A 130 -17.08 -5.21 8.93
N MSE A 131 -17.18 -4.90 7.65
CA MSE A 131 -16.67 -3.66 7.16
C MSE A 131 -17.49 -2.47 7.67
O MSE A 131 -16.93 -1.47 8.11
CB MSE A 131 -16.69 -3.66 5.66
CG MSE A 131 -15.80 -2.61 5.08
SE MSE A 131 -15.75 -2.70 3.16
CE MSE A 131 -15.44 -4.65 2.95
N TYR A 132 -18.82 -2.59 7.61
CA TYR A 132 -19.68 -1.54 8.18
C TYR A 132 -19.33 -1.34 9.64
N ARG A 133 -19.14 -2.45 10.36
CA ARG A 133 -18.83 -2.40 11.80
C ARG A 133 -17.60 -1.54 12.03
N ILE A 134 -16.54 -1.82 11.26
CA ILE A 134 -15.27 -1.06 11.34
C ILE A 134 -15.45 0.43 11.05
N ILE A 135 -16.16 0.75 9.97
CA ILE A 135 -16.36 2.16 9.61
C ILE A 135 -17.19 2.86 10.68
N ASP A 136 -18.25 2.20 11.14
CA ASP A 136 -19.08 2.76 12.23
C ASP A 136 -18.21 3.04 13.46
N ARG A 137 -17.27 2.15 13.74
CA ARG A 137 -16.36 2.35 14.89
C ARG A 137 -15.50 3.62 14.77
N ALA A 138 -15.01 3.87 13.55
CA ALA A 138 -14.15 5.02 13.28
C ALA A 138 -14.95 6.34 13.20
N LYS A 139 -16.11 6.27 12.55
CA LYS A 139 -17.04 7.39 12.50
C LYS A 139 -17.42 7.83 13.93
N ASP A 140 -17.82 6.85 14.74
CA ASP A 140 -18.21 7.10 16.12
C ASP A 140 -17.04 7.63 16.98
N MSE A 141 -15.85 7.07 16.80
CA MSE A 141 -14.70 7.48 17.60
C MSE A 141 -14.33 8.95 17.40
O MSE A 141 -14.02 9.66 18.37
CB MSE A 141 -13.51 6.59 17.32
CG MSE A 141 -12.29 6.95 18.13
SE MSE A 141 -10.73 5.75 17.68
CE MSE A 141 -9.14 7.04 18.05
N MSE A 142 -14.36 9.42 16.16
CA MSE A 142 -14.12 10.85 15.89
C MSE A 142 -15.24 11.71 16.46
O MSE A 142 -14.98 12.76 17.06
CB MSE A 142 -13.99 11.12 14.40
CG MSE A 142 -12.84 10.45 13.73
SE MSE A 142 -11.10 10.68 14.69
CE MSE A 142 -11.17 12.64 15.07
N GLU A 143 -16.49 11.29 16.26
CA GLU A 143 -17.65 12.08 16.71
C GLU A 143 -17.65 12.26 18.22
N LYS A 144 -17.16 11.27 18.96
CA LYS A 144 -17.05 11.39 20.43
C LYS A 144 -15.93 12.36 20.82
N LEU A 145 -14.97 12.55 19.92
CA LEU A 145 -13.89 13.53 20.12
C LEU A 145 -14.22 14.88 19.47
N GLY A 146 -15.51 15.09 19.17
CA GLY A 146 -15.97 16.36 18.62
C GLY A 146 -15.59 16.65 17.18
N SER A 147 -15.02 15.69 16.48
CA SER A 147 -14.69 15.88 15.07
C SER A 147 -15.45 14.85 14.21
N LYS A 148 -14.93 14.55 13.02
CA LYS A 148 -15.58 13.60 12.14
C LYS A 148 -14.61 12.85 11.25
N LEU A 149 -15.10 11.75 10.70
CA LEU A 149 -14.38 10.99 9.72
C LEU A 149 -14.74 11.59 8.39
N SER A 150 -13.72 12.06 7.67
CA SER A 150 -13.95 12.84 6.45
C SER A 150 -13.92 12.04 5.16
N ALA A 151 -13.18 10.93 5.14
CA ALA A 151 -13.07 10.10 3.94
C ALA A 151 -12.51 8.72 4.23
N LEU A 152 -12.51 7.88 3.21
CA LEU A 152 -12.09 6.48 3.32
C LEU A 152 -11.56 5.91 2.01
N THR A 153 -10.54 5.06 2.09
CA THR A 153 -10.00 4.34 0.93
C THR A 153 -9.91 2.87 1.28
N VAL A 154 -10.60 2.04 0.51
CA VAL A 154 -10.60 0.60 0.69
C VAL A 154 -9.58 -0.03 -0.24
N ALA A 155 -8.72 -0.89 0.32
CA ALA A 155 -7.69 -1.55 -0.48
C ALA A 155 -8.04 -3.00 -0.64
N ALA A 156 -8.06 -3.46 -1.88
CA ALA A 156 -8.40 -4.84 -2.17
C ALA A 156 -7.49 -5.45 -3.23
N PRO A 157 -7.52 -6.78 -3.34
CA PRO A 157 -6.69 -7.47 -4.32
C PRO A 157 -7.18 -7.37 -5.77
N GLY A 158 -6.26 -7.59 -6.71
CA GLY A 158 -6.58 -7.69 -8.13
C GLY A 158 -6.79 -6.37 -8.84
N PRO A 159 -7.35 -6.43 -10.07
CA PRO A 159 -7.65 -5.26 -10.86
C PRO A 159 -8.85 -4.52 -10.32
N ILE A 160 -8.82 -3.21 -10.44
CA ILE A 160 -9.82 -2.38 -9.84
C ILE A 160 -10.21 -1.22 -10.72
N ASP A 161 -11.51 -0.95 -10.80
CA ASP A 161 -12.02 0.23 -11.51
C ASP A 161 -11.91 1.41 -10.54
N THR A 162 -10.79 2.10 -10.61
CA THR A 162 -10.48 3.16 -9.69
C THR A 162 -11.43 4.39 -9.84
N GLU A 163 -11.94 4.63 -11.05
CA GLU A 163 -12.81 5.79 -11.29
C GLU A 163 -14.24 5.54 -10.75
N ARG A 164 -14.82 4.36 -11.05
CA ARG A 164 -16.18 4.03 -10.55
C ARG A 164 -16.17 3.43 -9.11
N GLY A 165 -15.00 2.94 -8.66
CA GLY A 165 -14.87 2.37 -7.32
C GLY A 165 -15.47 0.99 -7.22
N ILE A 166 -15.05 0.11 -8.13
CA ILE A 166 -15.54 -1.28 -8.20
C ILE A 166 -14.37 -2.27 -8.24
N ILE A 167 -14.49 -3.37 -7.51
CA ILE A 167 -13.49 -4.41 -7.54
C ILE A 167 -13.81 -5.37 -8.69
N ILE A 168 -12.99 -5.29 -9.75
CA ILE A 168 -13.21 -6.08 -10.98
C ILE A 168 -12.71 -7.51 -10.87
N ASP A 169 -11.94 -7.80 -9.83
CA ASP A 169 -11.31 -9.12 -9.73
C ASP A 169 -12.31 -10.24 -10.06
N PRO A 170 -12.09 -10.96 -11.19
CA PRO A 170 -12.91 -12.13 -11.56
C PRO A 170 -12.85 -13.26 -10.51
N ARG A 171 -11.66 -13.49 -9.94
CA ARG A 171 -11.47 -14.54 -8.91
C ARG A 171 -12.55 -14.42 -7.82
N ASN A 172 -12.97 -15.56 -7.30
CA ASN A 172 -14.03 -15.59 -6.29
C ASN A 172 -13.69 -14.70 -5.07
N PHE A 173 -14.25 -13.49 -5.06
CA PHE A 173 -14.18 -12.57 -3.93
C PHE A 173 -15.60 -12.10 -3.65
N PRO A 174 -16.05 -12.18 -2.38
CA PRO A 174 -17.43 -11.76 -2.07
C PRO A 174 -17.74 -10.28 -2.33
N LEU A 175 -16.73 -9.50 -2.76
CA LEU A 175 -16.91 -8.07 -3.04
C LEU A 175 -16.66 -7.69 -4.50
N SER A 176 -16.58 -8.68 -5.38
CA SER A 176 -16.36 -8.41 -6.80
C SER A 176 -17.64 -7.88 -7.47
N GLN A 177 -17.46 -7.11 -8.55
CA GLN A 177 -18.59 -6.61 -9.38
C GLN A 177 -19.73 -5.97 -8.55
N ILE A 178 -19.33 -5.21 -7.55
CA ILE A 178 -20.26 -4.56 -6.65
C ILE A 178 -19.89 -3.08 -6.57
N PRO A 179 -20.90 -2.18 -6.69
CA PRO A 179 -20.61 -0.74 -6.60
C PRO A 179 -20.25 -0.37 -5.17
N LEU A 180 -19.03 -0.71 -4.78
CA LEU A 180 -18.58 -0.60 -3.40
C LEU A 180 -18.49 0.86 -2.94
N ALA A 181 -17.72 1.65 -3.65
CA ALA A 181 -17.58 3.07 -3.31
C ALA A 181 -18.94 3.72 -3.17
N ASN A 182 -19.81 3.47 -4.14
CA ASN A 182 -21.12 4.08 -4.13
C ASN A 182 -21.95 3.70 -2.92
N LEU A 183 -22.01 2.42 -2.58
CA LEU A 183 -22.86 2.03 -1.45
C LEU A 183 -22.31 2.54 -0.13
N LEU A 184 -20.99 2.71 -0.05
CA LEU A 184 -20.36 3.28 1.13
C LEU A 184 -20.60 4.79 1.16
N LYS A 185 -20.43 5.46 0.02
CA LYS A 185 -20.70 6.90 -0.07
C LYS A 185 -22.11 7.18 0.40
N GLU A 186 -23.07 6.45 -0.16
CA GLU A 186 -24.47 6.58 0.20
C GLU A 186 -24.65 6.42 1.69
N LYS A 187 -24.19 5.29 2.21
CA LYS A 187 -24.43 4.95 3.60
C LYS A 187 -23.76 5.89 4.60
N TYR A 188 -22.60 6.43 4.24
CA TYR A 188 -21.83 7.22 5.22
C TYR A 188 -21.74 8.73 4.97
N GLY A 189 -21.94 9.16 3.72
CA GLY A 189 -21.88 10.56 3.39
C GLY A 189 -20.47 11.14 3.46
N ILE A 190 -19.47 10.33 3.10
CA ILE A 190 -18.09 10.77 3.05
C ILE A 190 -17.51 10.39 1.69
N GLU A 191 -16.24 10.72 1.47
CA GLU A 191 -15.55 10.40 0.23
C GLU A 191 -14.95 9.02 0.33
N VAL A 192 -15.22 8.18 -0.67
CA VAL A 192 -14.70 6.81 -0.68
C VAL A 192 -13.98 6.45 -2.00
N TRP A 193 -12.80 5.87 -1.90
CA TRP A 193 -12.07 5.37 -3.04
C TRP A 193 -11.75 3.88 -2.83
N VAL A 194 -11.49 3.18 -3.92
CA VAL A 194 -11.10 1.78 -3.89
C VAL A 194 -9.82 1.67 -4.69
N GLU A 195 -8.89 0.87 -4.19
CA GLU A 195 -7.54 0.91 -4.68
C GLU A 195 -6.84 -0.46 -4.54
N ASN A 196 -5.86 -0.75 -5.41
CA ASN A 196 -5.17 -2.07 -5.33
C ASN A 196 -4.35 -2.17 -4.06
N ASP A 197 -4.36 -3.34 -3.45
CA ASP A 197 -3.68 -3.53 -2.15
C ASP A 197 -2.17 -3.38 -2.24
N ALA A 198 -1.55 -3.99 -3.25
CA ALA A 198 -0.10 -3.88 -3.42
C ALA A 198 0.31 -2.43 -3.71
N ASP A 199 -0.51 -1.71 -4.47
CA ASP A 199 -0.27 -0.29 -4.74
C ASP A 199 -0.27 0.52 -3.46
N MSE A 200 -1.19 0.18 -2.57
CA MSE A 200 -1.34 0.91 -1.32
C MSE A 200 -0.26 0.52 -0.33
O MSE A 200 0.06 1.27 0.55
CB MSE A 200 -2.70 0.64 -0.72
CG MSE A 200 -3.81 1.15 -1.53
SE MSE A 200 -3.72 3.12 -1.71
CE MSE A 200 -2.58 3.33 -3.56
N GLY A 201 0.28 -0.68 -0.48
CA GLY A 201 1.42 -1.11 0.33
C GLY A 201 2.60 -0.26 -0.05
N ALA A 202 2.81 -0.12 -1.36
CA ALA A 202 3.87 0.73 -1.89
C ALA A 202 3.70 2.14 -1.41
N VAL A 203 2.45 2.64 -1.41
CA VAL A 203 2.21 4.01 -0.92
C VAL A 203 2.56 4.11 0.55
N GLY A 204 2.20 3.07 1.32
CA GLY A 204 2.57 2.96 2.73
C GLY A 204 4.08 3.09 2.96
N GLU A 205 4.91 2.43 2.13
CA GLU A 205 6.39 2.50 2.29
C GLU A 205 6.93 3.85 1.95
N LYS A 206 6.41 4.43 0.88
CA LYS A 206 6.82 5.75 0.44
C LYS A 206 6.73 6.74 1.58
N TRP A 207 5.58 6.78 2.22
CA TRP A 207 5.36 7.77 3.26
C TRP A 207 5.99 7.40 4.62
N TYR A 208 5.91 6.13 5.02
CA TYR A 208 6.48 5.69 6.30
C TYR A 208 8.02 5.78 6.28
N THR A 209 8.61 5.73 5.08
CA THR A 209 10.06 5.80 4.90
C THR A 209 10.52 7.16 4.41
N LYS A 210 9.58 8.04 4.09
CA LYS A 210 9.92 9.33 3.50
C LYS A 210 10.87 9.13 2.29
N ARG A 211 10.43 8.31 1.33
CA ARG A 211 11.18 8.07 0.07
C ARG A 211 10.55 8.86 -1.06
N ASP A 212 11.36 9.23 -2.03
CA ASP A 212 10.87 9.86 -3.25
C ASP A 212 11.60 9.31 -4.47
N ASP A 213 12.16 8.10 -4.31
CA ASP A 213 12.87 7.44 -5.40
C ASP A 213 11.95 6.41 -6.04
N SER A 214 12.54 5.44 -6.75
CA SER A 214 11.75 4.40 -7.41
C SER A 214 11.99 3.03 -6.81
N PHE A 215 10.92 2.25 -6.65
CA PHE A 215 11.04 0.90 -6.13
C PHE A 215 9.75 0.14 -6.40
N ALA A 216 9.75 -1.14 -6.08
CA ALA A 216 8.56 -1.99 -6.22
C ALA A 216 8.29 -2.62 -4.89
N TRP A 217 7.05 -2.56 -4.45
CA TRP A 217 6.65 -3.14 -3.19
C TRP A 217 5.89 -4.40 -3.50
N ILE A 218 6.43 -5.52 -3.06
CA ILE A 218 5.84 -6.78 -3.41
C ILE A 218 5.02 -7.38 -2.28
N LEU A 219 3.75 -7.60 -2.58
CA LEU A 219 2.80 -8.19 -1.65
C LEU A 219 2.94 -9.69 -1.72
N THR A 220 2.99 -10.34 -0.56
CA THR A 220 3.12 -11.80 -0.52
C THR A 220 2.27 -12.38 0.59
N GLY A 221 1.64 -13.52 0.30
CA GLY A 221 0.81 -14.24 1.29
C GLY A 221 -0.67 -14.15 0.96
N LYS A 222 -1.24 -15.26 0.49
CA LYS A 222 -2.63 -15.31 0.01
C LYS A 222 -2.65 -14.88 -1.46
N GLY A 223 -2.02 -13.72 -1.72
CA GLY A 223 -1.87 -13.21 -3.08
C GLY A 223 -0.47 -12.70 -3.34
N ILE A 224 -0.13 -12.57 -4.62
CA ILE A 224 1.16 -12.01 -5.05
C ILE A 224 0.89 -10.81 -5.99
N GLY A 225 1.64 -9.74 -5.83
CA GLY A 225 1.47 -8.57 -6.67
C GLY A 225 2.52 -7.53 -6.37
N ALA A 226 2.57 -6.50 -7.20
CA ALA A 226 3.56 -5.45 -7.01
C ALA A 226 2.94 -4.08 -7.10
N GLY A 227 3.40 -3.19 -6.23
CA GLY A 227 3.04 -1.79 -6.27
C GLY A 227 4.25 -1.09 -6.78
N ILE A 228 4.10 -0.29 -7.82
CA ILE A 228 5.24 0.30 -8.47
C ILE A 228 5.27 1.80 -8.31
N ILE A 229 6.36 2.28 -7.74
CA ILE A 229 6.54 3.67 -7.48
C ILE A 229 7.70 4.20 -8.28
N ILE A 230 7.50 5.33 -8.93
CA ILE A 230 8.49 5.93 -9.79
C ILE A 230 8.62 7.39 -9.47
N ASP A 231 9.83 7.78 -9.06
CA ASP A 231 10.11 9.14 -8.63
C ASP A 231 9.06 9.64 -7.64
N GLY A 232 8.67 8.77 -6.72
CA GLY A 232 7.79 9.17 -5.64
C GLY A 232 6.29 9.05 -5.89
N GLU A 233 5.89 8.87 -7.15
CA GLU A 233 4.48 8.74 -7.49
C GLU A 233 4.11 7.28 -7.77
N LEU A 234 2.87 6.93 -7.52
CA LEU A 234 2.38 5.61 -7.81
C LEU A 234 2.18 5.47 -9.30
N TYR A 235 2.68 4.38 -9.89
CA TYR A 235 2.49 4.08 -11.31
C TYR A 235 1.14 3.41 -11.55
N ARG A 236 0.39 3.90 -12.54
CA ARG A 236 -0.93 3.36 -12.84
C ARG A 236 -1.04 2.86 -14.24
N GLY A 237 -1.80 1.77 -14.40
CA GLY A 237 -2.04 1.19 -15.71
C GLY A 237 -3.29 1.78 -16.32
N GLU A 238 -3.54 1.43 -17.59
CA GLU A 238 -4.72 1.92 -18.31
C GLU A 238 -5.98 1.12 -18.06
N ASN A 239 -5.83 -0.10 -17.53
CA ASN A 239 -6.96 -1.02 -17.39
C ASN A 239 -7.27 -1.48 -15.95
N GLY A 240 -6.89 -0.67 -14.97
CA GLY A 240 -7.19 -0.99 -13.58
C GLY A 240 -6.15 -1.86 -12.89
N TYR A 241 -4.96 -2.01 -13.51
CA TYR A 241 -3.90 -2.80 -12.89
C TYR A 241 -2.50 -2.47 -13.41
N ALA A 242 -1.50 -2.89 -12.64
CA ALA A 242 -0.11 -2.74 -12.99
C ALA A 242 0.69 -3.60 -12.05
N GLY A 243 1.88 -4.00 -12.47
CA GLY A 243 2.78 -4.76 -11.62
C GLY A 243 2.28 -6.13 -11.27
N GLU A 244 1.34 -6.63 -12.06
CA GLU A 244 0.72 -7.93 -11.81
C GLU A 244 1.64 -9.09 -12.15
N ILE A 245 2.62 -9.35 -11.30
CA ILE A 245 3.57 -10.45 -11.50
C ILE A 245 3.02 -11.79 -11.01
N GLY A 246 1.84 -11.76 -10.41
CA GLY A 246 1.20 -12.99 -9.94
C GLY A 246 0.76 -13.90 -11.08
N TYR A 247 0.67 -13.34 -12.29
CA TYR A 247 0.24 -14.10 -13.46
C TYR A 247 1.41 -14.49 -14.34
N THR A 248 2.59 -14.48 -13.75
CA THR A 248 3.79 -14.89 -14.42
C THR A 248 3.71 -16.41 -14.67
N ARG A 249 3.82 -16.82 -15.94
CA ARG A 249 3.78 -18.26 -16.27
C ARG A 249 5.03 -18.96 -15.77
N VAL A 250 4.80 -20.02 -15.01
CA VAL A 250 5.88 -20.79 -14.40
C VAL A 250 5.64 -22.28 -14.62
N PHE A 251 6.64 -22.96 -15.17
CA PHE A 251 6.56 -24.42 -15.42
C PHE A 251 7.17 -25.18 -14.24
N ASN A 252 6.36 -25.98 -13.56
CA ASN A 252 6.81 -26.71 -12.36
C ASN A 252 7.52 -28.06 -12.65
N GLY A 253 7.39 -28.55 -13.87
CA GLY A 253 7.96 -29.84 -14.26
C GLY A 253 6.92 -30.74 -14.88
N ASN A 254 5.66 -30.52 -14.50
CA ASN A 254 4.53 -31.29 -15.02
C ASN A 254 3.66 -30.43 -15.96
N GLU A 255 3.21 -29.29 -15.45
CA GLU A 255 2.39 -28.36 -16.22
C GLU A 255 2.74 -26.91 -15.87
N TYR A 256 2.11 -25.96 -16.55
CA TYR A 256 2.30 -24.53 -16.24
C TYR A 256 1.34 -24.07 -15.18
N VAL A 257 1.81 -23.16 -14.33
CA VAL A 257 0.98 -22.54 -13.31
C VAL A 257 1.35 -21.07 -13.16
N PHE A 258 0.51 -20.30 -12.48
CA PHE A 258 0.81 -18.93 -12.20
C PHE A 258 1.77 -18.87 -11.03
N LEU A 259 2.57 -17.82 -10.97
CA LEU A 259 3.48 -17.63 -9.84
C LEU A 259 2.69 -17.48 -8.55
N GLU A 260 1.46 -16.98 -8.66
CA GLU A 260 0.57 -16.76 -7.51
C GLU A 260 0.14 -18.09 -6.87
N ASP A 261 -0.01 -19.12 -7.69
CA ASP A 261 -0.41 -20.45 -7.21
C ASP A 261 0.72 -21.15 -6.41
N VAL A 262 1.97 -20.75 -6.68
CA VAL A 262 3.13 -21.40 -6.06
C VAL A 262 3.61 -20.71 -4.77
N CYS A 263 3.48 -19.38 -4.71
CA CYS A 263 3.96 -18.62 -3.55
C CYS A 263 2.88 -18.40 -2.50
N ASN A 264 1.65 -18.67 -2.89
CA ASN A 264 0.51 -18.64 -2.00
C ASN A 264 0.87 -19.14 -0.59
N GLU A 265 0.63 -18.32 0.43
CA GLU A 265 0.89 -18.69 1.83
C GLU A 265 0.22 -20.03 2.20
N ASN A 266 -0.98 -20.28 1.66
CA ASN A 266 -1.69 -21.54 1.91
C ASN A 266 -0.92 -22.73 1.35
N VAL A 267 -0.71 -22.70 0.04
CA VAL A 267 -0.01 -23.77 -0.65
C VAL A 267 1.34 -24.10 0.00
N VAL A 268 2.01 -23.09 0.55
CA VAL A 268 3.30 -23.29 1.18
C VAL A 268 3.17 -24.07 2.48
N LEU A 269 2.37 -23.57 3.41
CA LEU A 269 2.20 -24.25 4.71
C LEU A 269 1.49 -25.61 4.59
N LYS A 270 0.52 -25.72 3.67
CA LYS A 270 -0.17 -26.98 3.42
C LYS A 270 0.82 -28.04 2.94
N HIS A 271 1.79 -27.60 2.13
CA HIS A 271 2.83 -28.49 1.66
C HIS A 271 3.78 -28.87 2.80
N VAL A 272 3.98 -27.96 3.76
CA VAL A 272 4.82 -28.25 4.94
C VAL A 272 4.09 -29.23 5.90
N LEU A 273 2.77 -29.31 5.78
CA LEU A 273 2.01 -30.33 6.51
C LEU A 273 2.47 -31.69 6.00
N SER A 274 2.73 -31.78 4.68
CA SER A 274 3.26 -33.00 4.07
C SER A 274 4.68 -33.25 4.55
N MSE A 275 5.52 -32.22 4.44
CA MSE A 275 6.92 -32.29 4.88
C MSE A 275 7.02 -32.94 6.26
O MSE A 275 7.96 -33.69 6.53
CB MSE A 275 7.54 -30.88 4.96
CG MSE A 275 7.59 -30.09 3.62
SE MSE A 275 9.26 -30.27 2.61
CE MSE A 275 10.44 -29.45 3.85
N GLY A 276 6.05 -32.64 7.12
CA GLY A 276 6.04 -33.15 8.49
C GLY A 276 6.15 -31.99 9.46
N PHE A 277 6.98 -31.00 9.10
CA PHE A 277 7.18 -29.82 9.94
C PHE A 277 5.88 -29.04 10.08
N SER A 279 6.33 -27.24 12.68
CA SER A 279 5.59 -25.98 12.64
C SER A 279 5.90 -25.16 11.37
N LEU A 280 5.20 -24.04 11.21
CA LEU A 280 5.37 -23.17 10.03
C LEU A 280 6.79 -22.60 9.95
N ALA A 281 7.42 -22.42 11.11
CA ALA A 281 8.77 -21.85 11.21
C ALA A 281 9.81 -22.93 11.40
N GLU A 282 9.54 -23.83 12.34
CA GLU A 282 10.48 -24.93 12.66
C GLU A 282 11.18 -25.50 11.44
N ALA A 283 10.47 -25.59 10.32
CA ALA A 283 11.04 -26.11 9.07
C ALA A 283 12.51 -25.71 8.92
N ARG A 284 12.77 -24.41 8.88
CA ARG A 284 14.15 -23.88 8.75
C ARG A 284 15.06 -24.35 9.89
N ASP A 285 14.56 -24.25 11.12
CA ASP A 285 15.30 -24.70 12.31
C ASP A 285 15.57 -26.22 12.27
N SER A 286 14.81 -26.93 11.45
CA SER A 286 15.00 -28.37 11.28
C SER A 286 16.33 -28.70 10.63
N GLY A 287 16.85 -27.76 9.83
CA GLY A 287 18.15 -27.94 9.16
C GLY A 287 18.12 -29.07 8.15
N ASP A 288 16.98 -29.20 7.47
CA ASP A 288 16.75 -30.28 6.53
C ASP A 288 16.98 -29.78 5.11
N VAL A 289 17.78 -30.52 4.34
CA VAL A 289 18.08 -30.15 2.94
C VAL A 289 16.77 -30.02 2.13
N ARG A 290 15.79 -30.85 2.50
CA ARG A 290 14.47 -30.89 1.85
C ARG A 290 13.74 -29.56 1.95
N VAL A 291 13.95 -28.86 3.07
CA VAL A 291 13.38 -27.53 3.28
C VAL A 291 14.15 -26.53 2.47
N LYS A 292 15.48 -26.59 2.59
CA LYS A 292 16.36 -25.71 1.82
C LYS A 292 15.97 -25.73 0.35
N GLU A 293 15.93 -26.94 -0.23
CA GLU A 293 15.60 -27.10 -1.66
C GLU A 293 14.17 -26.69 -2.01
N TYR A 294 13.24 -26.73 -1.05
CA TYR A 294 11.87 -26.30 -1.30
C TYR A 294 11.80 -24.75 -1.33
N PHE A 295 12.51 -24.13 -0.39
CA PHE A 295 12.62 -22.68 -0.33
C PHE A 295 13.41 -22.17 -1.51
N ASP A 296 14.41 -22.94 -1.94
CA ASP A 296 15.16 -22.59 -3.14
C ASP A 296 14.20 -22.58 -4.34
N ASP A 297 13.33 -23.61 -4.43
CA ASP A 297 12.34 -23.71 -5.52
C ASP A 297 11.51 -22.44 -5.62
N ILE A 298 11.01 -21.99 -4.48
CA ILE A 298 10.16 -20.81 -4.43
C ILE A 298 10.92 -19.52 -4.73
N ALA A 299 12.11 -19.36 -4.15
CA ALA A 299 12.96 -18.21 -4.45
C ALA A 299 13.22 -18.11 -5.96
N ARG A 300 13.53 -19.25 -6.58
CA ARG A 300 13.77 -19.31 -8.02
C ARG A 300 12.57 -18.78 -8.78
N TYR A 301 11.39 -19.36 -8.50
CA TYR A 301 10.15 -18.94 -9.16
C TYR A 301 9.90 -17.46 -8.95
N PHE A 302 9.91 -17.07 -7.69
CA PHE A 302 9.68 -15.69 -7.32
C PHE A 302 10.57 -14.78 -8.13
N SER A 303 11.86 -15.11 -8.21
CA SER A 303 12.82 -14.30 -8.98
C SER A 303 12.38 -14.09 -10.42
N ILE A 304 11.84 -15.12 -11.05
CA ILE A 304 11.40 -14.99 -12.42
C ILE A 304 10.48 -13.76 -12.56
N GLY A 305 9.59 -13.60 -11.59
CA GLY A 305 8.70 -12.45 -11.53
C GLY A 305 9.42 -11.15 -11.23
N LEU A 306 10.36 -11.19 -10.29
CA LEU A 306 11.15 -10.00 -9.98
C LEU A 306 11.99 -9.56 -11.18
N LEU A 307 12.53 -10.53 -11.90
CA LEU A 307 13.39 -10.23 -13.04
C LEU A 307 12.61 -9.56 -14.15
N ASN A 308 11.35 -9.94 -14.30
CA ASN A 308 10.47 -9.31 -15.26
C ASN A 308 10.33 -7.83 -14.91
N LEU A 309 9.97 -7.55 -13.67
CA LEU A 309 9.85 -6.18 -13.19
C LEU A 309 11.10 -5.39 -13.46
N ILE A 310 12.24 -5.96 -13.10
CA ILE A 310 13.52 -5.29 -13.23
C ILE A 310 13.88 -5.05 -14.68
N HIS A 311 13.72 -6.07 -15.51
CA HIS A 311 14.08 -5.98 -16.93
C HIS A 311 13.10 -5.11 -17.71
N LEU A 312 11.85 -5.06 -17.28
CA LEU A 312 10.85 -4.27 -18.00
C LEU A 312 10.80 -2.84 -17.52
N PHE A 313 10.65 -2.63 -16.21
CA PHE A 313 10.60 -1.25 -15.66
C PHE A 313 11.96 -0.58 -15.53
N GLY A 314 13.02 -1.38 -15.57
CA GLY A 314 14.36 -0.82 -15.42
C GLY A 314 14.60 -0.25 -14.03
N ILE A 315 14.03 -0.88 -13.02
CA ILE A 315 14.24 -0.45 -11.64
C ILE A 315 15.38 -1.23 -11.02
N SER A 316 15.75 -0.86 -9.81
CA SER A 316 16.85 -1.52 -9.10
C SER A 316 16.48 -1.91 -7.68
N LYS A 317 15.45 -1.26 -7.13
CA LYS A 317 15.10 -1.46 -5.73
C LYS A 317 13.80 -2.21 -5.57
N ILE A 318 13.82 -3.23 -4.73
CA ILE A 318 12.65 -4.03 -4.48
C ILE A 318 12.47 -4.23 -2.98
N VAL A 319 11.22 -4.10 -2.54
CA VAL A 319 10.87 -4.20 -1.15
C VAL A 319 9.79 -5.25 -0.98
N ILE A 320 10.05 -6.24 -0.15
CA ILE A 320 9.12 -7.37 0.01
C ILE A 320 8.36 -7.27 1.32
N GLY A 321 7.07 -7.51 1.25
CA GLY A 321 6.24 -7.41 2.42
C GLY A 321 5.33 -8.60 2.59
N GLY A 322 4.89 -8.83 3.81
CA GLY A 322 3.97 -9.91 4.10
C GLY A 322 4.64 -11.23 4.39
N PHE A 323 3.89 -12.30 4.14
CA PHE A 323 4.28 -13.69 4.40
C PHE A 323 5.79 -13.99 4.29
N PHE A 324 6.42 -13.53 3.21
CA PHE A 324 7.83 -13.80 2.96
C PHE A 324 8.80 -13.25 4.03
N LYS A 325 8.37 -12.27 4.81
CA LYS A 325 9.22 -11.76 5.90
C LYS A 325 9.54 -12.89 6.87
N GLU A 326 8.55 -13.74 7.11
CA GLU A 326 8.67 -14.84 8.07
C GLU A 326 9.74 -15.87 7.68
N LEU A 327 10.24 -15.79 6.45
CA LEU A 327 11.27 -16.73 5.98
C LEU A 327 12.70 -16.21 6.26
N GLY A 328 12.80 -14.93 6.60
CA GLY A 328 14.07 -14.34 7.06
C GLY A 328 15.11 -14.06 5.99
N GLU A 329 16.27 -13.54 6.42
CA GLU A 329 17.36 -13.17 5.51
C GLU A 329 17.94 -14.39 4.76
N ASN A 330 17.85 -15.58 5.37
CA ASN A 330 18.29 -16.81 4.70
C ASN A 330 17.56 -16.99 3.35
N PHE A 331 16.30 -16.60 3.32
CA PHE A 331 15.47 -16.68 2.12
C PHE A 331 15.71 -15.49 1.16
N LEU A 332 15.94 -14.32 1.75
CA LEU A 332 16.24 -13.11 0.98
C LEU A 332 17.60 -13.26 0.28
N LYS A 333 18.55 -13.95 0.93
CA LYS A 333 19.88 -14.19 0.35
C LYS A 333 19.78 -15.01 -0.93
N LYS A 334 18.83 -15.95 -0.96
CA LYS A 334 18.64 -16.81 -2.12
C LYS A 334 18.04 -16.02 -3.28
N ILE A 335 17.04 -15.19 -2.99
CA ILE A 335 16.39 -14.37 -4.01
C ILE A 335 17.41 -13.40 -4.61
N LYS A 336 18.18 -12.77 -3.73
CA LYS A 336 19.23 -11.87 -4.15
C LYS A 336 20.07 -12.61 -5.18
N ILE A 337 20.58 -13.77 -4.78
CA ILE A 337 21.44 -14.60 -5.63
C ILE A 337 20.81 -14.96 -6.99
N GLU A 338 19.59 -15.49 -6.97
CA GLU A 338 18.89 -15.86 -8.22
C GLU A 338 18.77 -14.66 -9.16
N VAL A 339 18.49 -13.49 -8.59
CA VAL A 339 18.38 -12.26 -9.37
C VAL A 339 19.75 -11.82 -9.91
N GLU A 340 20.78 -11.79 -9.07
CA GLU A 340 22.15 -11.41 -9.53
C GLU A 340 22.51 -12.26 -10.73
N THR A 341 22.34 -13.57 -10.57
CA THR A 341 22.72 -14.55 -11.59
C THR A 341 22.10 -14.28 -12.96
N HIS A 342 20.79 -14.05 -12.99
CA HIS A 342 20.06 -13.92 -14.27
C HIS A 342 19.86 -12.47 -14.71
N LEU A 343 20.53 -11.55 -14.03
CA LEU A 343 20.44 -10.16 -14.38
C LEU A 343 21.05 -9.91 -15.77
N LEU A 344 20.43 -8.99 -16.50
CA LEU A 344 20.79 -8.63 -17.87
C LEU A 344 22.29 -8.31 -18.02
N TYR A 345 22.83 -7.56 -17.07
CA TYR A 345 24.27 -7.30 -17.00
C TYR A 345 24.60 -7.01 -15.55
N LYS A 346 25.89 -7.07 -15.20
CA LYS A 346 26.30 -6.89 -13.80
C LYS A 346 26.11 -5.45 -13.32
N HIS A 347 25.03 -5.23 -12.55
CA HIS A 347 24.82 -3.95 -11.88
C HIS A 347 24.13 -4.21 -10.54
N SER A 348 24.16 -3.21 -9.66
CA SER A 348 23.65 -3.41 -8.30
C SER A 348 22.14 -3.44 -8.26
N VAL A 349 21.61 -4.31 -7.40
CA VAL A 349 20.18 -4.47 -7.19
C VAL A 349 19.91 -4.59 -5.70
N ASP A 350 19.03 -3.75 -5.16
CA ASP A 350 18.74 -3.76 -3.74
C ASP A 350 17.44 -4.53 -3.41
N MSE A 351 17.61 -5.67 -2.76
CA MSE A 351 16.50 -6.45 -2.24
C MSE A 351 16.37 -6.09 -0.78
O MSE A 351 17.37 -5.85 -0.12
CB MSE A 351 16.82 -7.93 -2.32
CG MSE A 351 17.26 -8.45 -3.68
SE MSE A 351 15.85 -8.46 -4.99
CE MSE A 351 14.34 -9.05 -3.80
N SER A 352 15.16 -6.08 -0.28
CA SER A 352 14.97 -5.86 1.15
C SER A 352 13.57 -6.26 1.56
N PHE A 353 13.40 -6.48 2.85
CA PHE A 353 12.07 -6.68 3.41
C PHE A 353 11.54 -5.34 3.86
N SER A 354 10.22 -5.25 3.95
CA SER A 354 9.60 -4.11 4.58
C SER A 354 9.78 -4.29 6.07
N LYS A 355 9.96 -3.19 6.80
CA LYS A 355 10.05 -3.26 8.26
C LYS A 355 9.01 -2.35 8.91
N VAL A 356 7.98 -1.98 8.15
CA VAL A 356 6.91 -1.12 8.65
C VAL A 356 6.02 -1.92 9.61
N GLN A 357 5.78 -1.36 10.80
CA GLN A 357 4.87 -1.99 11.76
C GLN A 357 3.50 -2.06 11.11
N GLU A 358 2.82 -3.19 11.24
CA GLU A 358 1.51 -3.35 10.59
C GLU A 358 0.50 -2.33 11.11
N PRO A 359 -0.59 -2.06 10.35
CA PRO A 359 -0.94 -2.59 9.03
C PRO A 359 -0.47 -1.67 7.90
N VAL A 360 0.52 -2.13 7.15
CA VAL A 360 1.16 -1.30 6.16
C VAL A 360 0.24 -0.94 4.99
N ILE A 361 -0.67 -1.83 4.62
CA ILE A 361 -1.55 -1.57 3.50
C ILE A 361 -2.68 -0.68 3.90
N ALA A 362 -3.24 -0.95 5.08
CA ALA A 362 -4.33 -0.11 5.58
C ALA A 362 -3.81 1.29 5.75
N PHE A 363 -2.56 1.41 6.17
CA PHE A 363 -1.94 2.69 6.35
C PHE A 363 -1.79 3.44 5.04
N GLY A 364 -1.23 2.78 4.03
CA GLY A 364 -1.08 3.40 2.70
C GLY A 364 -2.42 3.86 2.14
N ALA A 365 -3.44 3.03 2.31
CA ALA A 365 -4.78 3.38 1.90
C ALA A 365 -5.25 4.63 2.63
N ALA A 366 -4.91 4.77 3.90
CA ALA A 366 -5.33 5.95 4.68
C ALA A 366 -4.69 7.21 4.14
N VAL A 367 -3.39 7.15 3.87
CA VAL A 367 -2.70 8.28 3.32
C VAL A 367 -3.25 8.62 1.92
N HIS A 368 -3.54 7.60 1.12
CA HIS A 368 -4.14 7.82 -0.18
C HIS A 368 -5.44 8.64 -0.03
N ALA A 369 -6.27 8.27 0.95
CA ALA A 369 -7.51 8.97 1.22
C ALA A 369 -7.27 10.43 1.65
N LEU A 370 -6.19 10.64 2.41
CA LEU A 370 -5.86 11.98 2.88
C LEU A 370 -5.50 12.91 1.72
N GLU A 371 -4.59 12.48 0.84
CA GLU A 371 -4.23 13.30 -0.33
C GLU A 371 -5.50 13.63 -1.09
N ASN A 372 -6.22 12.60 -1.48
CA ASN A 372 -7.40 12.77 -2.29
C ASN A 372 -8.50 13.57 -1.64
N TYR A 373 -8.59 13.51 -0.30
CA TYR A 373 -9.60 14.32 0.37
C TYR A 373 -9.17 15.77 0.42
N LEU A 374 -7.89 16.00 0.74
CA LEU A 374 -7.35 17.37 0.78
C LEU A 374 -7.32 18.00 -0.61
N GLU A 375 -6.95 17.21 -1.61
CA GLU A 375 -6.96 17.71 -3.00
C GLU A 375 -8.39 18.11 -3.39
N ARG A 376 -9.37 17.34 -2.95
CA ARG A 376 -10.76 17.64 -3.29
C ARG A 376 -11.28 18.90 -2.56
N VAL A 377 -11.04 18.96 -1.24
CA VAL A 377 -11.47 20.11 -0.42
C VAL A 377 -10.89 21.43 -0.88
N THR A 378 -9.62 21.44 -1.28
CA THR A 378 -9.02 22.68 -1.76
C THR A 378 -9.64 23.12 -3.09
N THR A 379 -10.02 22.15 -3.94
CA THR A 379 -10.69 22.49 -5.20
C THR A 379 -12.19 22.78 -4.97
N SER A 380 -12.48 23.91 -4.31
CA SER A 380 -13.85 24.39 -4.06
C SER A 380 -13.86 25.48 -3.00
K K B . -0.54 -3.42 -8.58
C1 GOL C . -2.00 -8.17 -5.56
O1 GOL C . -3.07 -8.13 -4.62
C2 GOL C . -2.56 -8.47 -6.94
O2 GOL C . -3.27 -7.34 -7.42
C3 GOL C . -3.47 -9.70 -6.89
O3 GOL C . -3.99 -10.00 -8.17
#